data_3Q4H
#
_entry.id   3Q4H
#
_cell.length_a   105.598
_cell.length_b   105.598
_cell.length_c   71.328
_cell.angle_alpha   90.00
_cell.angle_beta   90.00
_cell.angle_gamma   120.00
#
_symmetry.space_group_name_H-M   'P 63'
#
loop_
_entity.id
_entity.type
_entity.pdbx_description
1 polymer 'Pe family protein'
2 polymer 'Low molecular weight protein antigen 7'
3 water water
#
loop_
_entity_poly.entity_id
_entity_poly.type
_entity_poly.pdbx_seq_one_letter_code
_entity_poly.pdbx_strand_id
1 'polypeptide(L)'
;S(MSE)SLLDAHIPQLIASEANFGAKAAL(MSE)RSTIAQAEQAA(MSE)SSQAFH(MSE)GEASAAFQAAHARFVEVSA
KVNALLDIAQLNIGDAASSYVAQDAAAASTYTGI
;
A,C
2 'polypeptide(L)'
;(MSE)SQI(MSE)YNYPA(MSE)LAHAAE(MSE)NTYSGALHAVGADIAAEQHALASAWQGDTG(MSE)TYQAWQAQWNQ
A(MSE)EELVRAYRA(MSE)ATTHEQNT(MSE)A(MSE)SARDQAEGAKWGTHHHHHH
;
B,D
#
# COMPACT_ATOMS: atom_id res chain seq x y z
N ASP A 6 9.71 1.95 -22.59
CA ASP A 6 8.29 1.74 -22.98
C ASP A 6 7.62 0.68 -22.10
N ALA A 7 8.11 -0.56 -22.19
CA ALA A 7 7.70 -1.63 -21.27
C ALA A 7 8.35 -1.45 -19.90
N HIS A 8 9.36 -0.58 -19.84
CA HIS A 8 9.99 -0.13 -18.59
C HIS A 8 9.00 0.65 -17.69
N ILE A 9 7.97 1.25 -18.28
CA ILE A 9 7.03 2.08 -17.53
C ILE A 9 6.12 1.27 -16.57
N PRO A 10 5.45 0.23 -17.09
CA PRO A 10 4.72 -0.68 -16.20
C PRO A 10 5.56 -1.27 -15.08
N GLN A 11 6.83 -1.57 -15.34
CA GLN A 11 7.72 -2.11 -14.31
C GLN A 11 7.95 -1.07 -13.22
N LEU A 12 8.19 0.17 -13.63
CA LEU A 12 8.41 1.27 -12.69
C LEU A 12 7.19 1.51 -11.82
N ILE A 13 6.04 1.68 -12.46
CA ILE A 13 4.74 1.85 -11.79
C ILE A 13 4.51 0.74 -10.79
N ALA A 14 4.77 -0.49 -11.21
CA ALA A 14 4.59 -1.64 -10.34
C ALA A 14 5.56 -1.53 -9.16
N SER A 15 6.84 -1.34 -9.45
CA SER A 15 7.85 -1.24 -8.40
C SER A 15 7.51 -0.18 -7.36
N GLU A 16 6.99 0.96 -7.82
CA GLU A 16 6.70 2.05 -6.92
C GLU A 16 5.44 1.78 -6.13
N ALA A 17 4.42 1.21 -6.78
CA ALA A 17 3.17 0.90 -6.09
C ALA A 17 3.45 -0.08 -4.95
N ASN A 18 4.26 -1.10 -5.24
CA ASN A 18 4.65 -2.09 -4.23
C ASN A 18 5.39 -1.44 -3.06
N PHE A 19 6.31 -0.53 -3.35
CA PHE A 19 6.93 0.25 -2.26
C PHE A 19 5.87 1.02 -1.47
N GLY A 20 4.90 1.59 -2.19
CA GLY A 20 3.83 2.35 -1.57
C GLY A 20 2.99 1.50 -0.63
N ALA A 21 2.77 0.25 -1.01
CA ALA A 21 2.04 -0.69 -0.17
C ALA A 21 2.80 -0.93 1.13
N LYS A 22 4.09 -1.24 1.03
CA LYS A 22 4.89 -1.51 2.23
C LYS A 22 4.98 -0.30 3.14
N ALA A 23 5.00 0.90 2.55
CA ALA A 23 4.98 2.11 3.35
C ALA A 23 3.69 2.09 4.17
N ALA A 24 2.56 1.85 3.51
CA ALA A 24 1.29 1.82 4.22
C ALA A 24 1.28 0.73 5.28
N LEU A 25 1.91 -0.41 4.98
CA LEU A 25 1.93 -1.53 5.90
C LEU A 25 2.79 -1.26 7.15
N MSE A 26 3.85 -0.47 6.99
CA MSE A 26 4.60 0.03 8.14
C MSE A 26 3.69 0.89 9.04
O MSE A 26 3.56 0.62 10.23
CB MSE A 26 5.81 0.84 7.69
CG MSE A 26 6.61 1.48 8.83
SE MSE A 26 7.45 0.22 10.10
CE MSE A 26 8.77 -0.57 8.92
N ARG A 27 3.05 1.91 8.47
CA ARG A 27 2.11 2.74 9.24
C ARG A 27 1.10 1.88 9.99
N SER A 28 0.67 0.78 9.36
CA SER A 28 -0.27 -0.17 9.95
C SER A 28 0.35 -0.95 11.11
N THR A 29 1.58 -1.42 10.91
CA THR A 29 2.33 -2.11 11.95
C THR A 29 2.60 -1.22 13.16
N ILE A 30 2.99 0.03 12.92
CA ILE A 30 3.17 0.99 13.99
C ILE A 30 1.89 1.15 14.82
N ALA A 31 0.74 1.22 14.12
CA ALA A 31 -0.58 1.41 14.75
C ALA A 31 -1.00 0.19 15.57
N GLN A 32 -0.78 -1.00 15.03
CA GLN A 32 -1.05 -2.23 15.77
C GLN A 32 -0.10 -2.40 16.97
N ALA A 33 1.13 -1.91 16.86
CA ALA A 33 2.07 -1.99 17.97
C ALA A 33 1.63 -1.05 19.10
N GLU A 34 1.04 0.07 18.71
CA GLU A 34 0.55 1.08 19.66
C GLU A 34 -0.63 0.55 20.47
N GLN A 35 -1.57 -0.12 19.80
CA GLN A 35 -2.71 -0.75 20.46
C GLN A 35 -2.28 -1.78 21.49
N ALA A 36 -1.30 -2.59 21.12
CA ALA A 36 -0.74 -3.58 22.03
C ALA A 36 -0.02 -2.93 23.20
N ALA A 37 0.58 -1.75 22.98
CA ALA A 37 1.23 -0.99 24.04
C ALA A 37 0.23 -0.36 25.03
N MSE A 38 -0.78 0.33 24.50
CA MSE A 38 -1.84 0.92 25.33
C MSE A 38 -2.50 -0.12 26.24
O MSE A 38 -2.72 0.13 27.43
CB MSE A 38 -2.94 1.57 24.46
CG MSE A 38 -2.60 2.94 23.88
SE MSE A 38 -4.02 3.59 22.67
CE MSE A 38 -5.31 4.21 24.02
N SER A 39 -2.80 -1.30 25.69
CA SER A 39 -3.48 -2.35 26.45
C SER A 39 -2.59 -3.04 27.49
N SER A 40 -1.33 -2.63 27.61
CA SER A 40 -0.42 -3.20 28.61
C SER A 40 0.21 -2.16 29.55
N GLN A 41 -0.33 -0.93 29.58
CA GLN A 41 0.08 0.06 30.58
C GLN A 41 -0.58 -0.29 31.90
N ALA A 42 -1.91 -0.42 31.87
CA ALA A 42 -2.74 -0.57 33.08
C ALA A 42 -2.01 -1.19 34.27
N PHE A 43 -1.32 -2.30 34.00
CA PHE A 43 -0.72 -3.16 35.03
C PHE A 43 0.21 -2.44 36.03
N HIS A 44 0.94 -1.43 35.56
CA HIS A 44 2.02 -0.81 36.33
C HIS A 44 1.56 0.30 37.28
N MSE A 45 2.50 0.84 38.06
CA MSE A 45 2.20 1.92 39.01
C MSE A 45 3.45 2.69 39.42
O MSE A 45 4.48 2.09 39.75
CB MSE A 45 1.52 1.33 40.25
N GLY A 46 3.36 4.02 39.40
CA GLY A 46 4.44 4.90 39.89
C GLY A 46 5.68 4.96 39.01
N GLU A 47 6.76 4.35 39.50
CA GLU A 47 8.08 4.40 38.84
C GLU A 47 8.15 3.55 37.58
N ALA A 48 7.62 2.33 37.68
CA ALA A 48 7.55 1.44 36.52
C ALA A 48 6.64 2.01 35.45
N SER A 49 5.53 2.61 35.88
CA SER A 49 4.57 3.25 34.98
C SER A 49 5.17 4.47 34.28
N ALA A 50 5.80 5.35 35.06
CA ALA A 50 6.39 6.59 34.52
C ALA A 50 7.41 6.28 33.43
N ALA A 51 8.26 5.29 33.68
CA ALA A 51 9.16 4.72 32.67
C ALA A 51 8.41 4.26 31.40
N PHE A 52 7.28 3.58 31.60
CA PHE A 52 6.44 3.14 30.48
C PHE A 52 5.87 4.34 29.71
N GLN A 53 5.22 5.25 30.43
CA GLN A 53 4.64 6.45 29.82
C GLN A 53 5.68 7.29 29.09
N ALA A 54 6.89 7.39 29.66
CA ALA A 54 7.98 8.11 29.00
C ALA A 54 8.39 7.41 27.71
N ALA A 55 8.52 6.09 27.79
CA ALA A 55 8.81 5.25 26.63
C ALA A 55 7.69 5.31 25.60
N HIS A 56 6.46 5.51 26.06
CA HIS A 56 5.33 5.61 25.16
C HIS A 56 5.33 6.94 24.42
N ALA A 57 5.46 8.04 25.17
CA ALA A 57 5.49 9.40 24.58
C ALA A 57 6.60 9.57 23.54
N ARG A 58 7.72 8.88 23.79
CA ARG A 58 8.84 8.83 22.86
C ARG A 58 8.45 8.06 21.58
N PHE A 59 7.84 6.90 21.77
CA PHE A 59 7.42 6.08 20.65
C PHE A 59 6.40 6.82 19.77
N VAL A 60 5.42 7.45 20.41
CA VAL A 60 4.44 8.25 19.68
C VAL A 60 5.09 9.40 18.91
N GLU A 61 6.13 10.01 19.47
CA GLU A 61 6.89 11.06 18.76
C GLU A 61 7.61 10.53 17.51
N VAL A 62 8.33 9.41 17.66
CA VAL A 62 9.14 8.90 16.58
C VAL A 62 8.29 8.36 15.43
N SER A 63 7.13 7.76 15.75
CA SER A 63 6.15 7.36 14.72
C SER A 63 5.77 8.53 13.83
N ALA A 64 5.52 9.68 14.47
CA ALA A 64 5.24 10.91 13.73
C ALA A 64 6.35 11.21 12.73
N LYS A 65 7.61 11.09 13.16
CA LYS A 65 8.74 11.40 12.28
C LYS A 65 8.85 10.36 11.17
N VAL A 66 8.63 9.09 11.51
CA VAL A 66 8.66 7.99 10.54
C VAL A 66 7.53 8.11 9.54
N ASN A 67 6.36 8.53 10.02
CA ASN A 67 5.26 8.84 9.12
C ASN A 67 5.62 10.00 8.21
N ALA A 68 6.23 11.04 8.77
CA ALA A 68 6.66 12.19 7.97
C ALA A 68 7.68 11.73 6.92
N LEU A 69 8.54 10.79 7.30
CA LEU A 69 9.55 10.28 6.37
C LEU A 69 8.96 9.41 5.25
N LEU A 70 7.99 8.57 5.60
CA LEU A 70 7.28 7.78 4.61
C LEU A 70 6.53 8.70 3.64
N ASP A 71 5.97 9.79 4.15
CA ASP A 71 5.30 10.77 3.28
C ASP A 71 6.23 11.27 2.18
N ILE A 72 7.52 11.42 2.49
CA ILE A 72 8.49 11.85 1.51
C ILE A 72 8.78 10.70 0.54
N ALA A 73 8.97 9.50 1.06
CA ALA A 73 9.23 8.36 0.19
C ALA A 73 8.10 8.21 -0.84
N GLN A 74 6.86 8.33 -0.37
CA GLN A 74 5.68 8.13 -1.22
C GLN A 74 5.69 9.05 -2.43
N LEU A 75 5.97 10.33 -2.21
CA LEU A 75 5.99 11.31 -3.31
C LEU A 75 7.11 11.04 -4.33
N ASN A 76 8.23 10.49 -3.87
CA ASN A 76 9.41 10.26 -4.71
C ASN A 76 9.43 8.91 -5.42
N ILE A 77 9.09 7.83 -4.70
CA ILE A 77 9.22 6.47 -5.23
C ILE A 77 8.09 5.53 -4.82
N GLY A 78 6.95 6.07 -4.41
CA GLY A 78 5.91 5.28 -3.78
C GLY A 78 4.55 5.46 -4.42
N ASP A 79 3.52 5.38 -3.60
CA ASP A 79 2.13 5.43 -4.07
C ASP A 79 1.85 6.59 -5.00
N ALA A 80 2.30 7.79 -4.61
CA ALA A 80 2.04 9.02 -5.37
C ALA A 80 2.88 9.04 -6.63
N ALA A 81 4.15 8.68 -6.52
CA ALA A 81 5.02 8.61 -7.67
C ALA A 81 4.38 7.72 -8.74
N SER A 82 4.01 6.50 -8.36
CA SER A 82 3.44 5.54 -9.29
C SER A 82 2.16 6.07 -9.97
N SER A 83 1.29 6.70 -9.19
CA SER A 83 0.09 7.33 -9.72
C SER A 83 0.43 8.34 -10.82
N TYR A 84 1.38 9.25 -10.54
CA TYR A 84 1.80 10.27 -11.50
C TYR A 84 2.35 9.66 -12.80
N VAL A 85 3.17 8.63 -12.69
CA VAL A 85 3.69 7.94 -13.87
C VAL A 85 2.57 7.28 -14.67
N ALA A 86 1.61 6.68 -13.96
CA ALA A 86 0.46 6.03 -14.60
C ALA A 86 -0.41 7.04 -15.33
N GLN A 87 -0.77 8.11 -14.64
CA GLN A 87 -1.62 9.16 -15.23
C GLN A 87 -0.89 9.92 -16.34
N ASP A 88 0.40 10.20 -16.13
CA ASP A 88 1.24 10.85 -17.15
C ASP A 88 1.41 9.99 -18.39
N ALA A 89 1.53 8.67 -18.21
CA ALA A 89 1.60 7.73 -19.33
C ALA A 89 0.32 7.72 -20.15
N ALA A 90 -0.83 7.92 -19.49
CA ALA A 90 -2.14 7.91 -20.17
C ALA A 90 -2.38 9.18 -20.99
N ALA A 91 -1.94 10.32 -20.46
CA ALA A 91 -2.11 11.61 -21.13
C ALA A 91 -1.22 11.73 -22.37
N ALA A 92 -0.03 11.16 -22.28
CA ALA A 92 0.91 11.10 -23.41
C ALA A 92 0.48 10.08 -24.46
N SER A 93 -0.17 9.00 -24.01
CA SER A 93 -0.58 7.90 -24.90
C SER A 93 -1.71 8.30 -25.83
N THR A 94 -2.72 8.98 -25.29
CA THR A 94 -3.90 9.39 -26.07
C THR A 94 -3.61 10.60 -26.95
N TYR A 95 -2.82 11.54 -26.42
CA TYR A 95 -2.46 12.76 -27.12
C TYR A 95 -1.59 12.47 -28.35
N ASN B 7 -2.84 -10.28 36.69
CA ASN B 7 -2.08 -11.49 37.08
C ASN B 7 -0.85 -11.72 36.21
N TYR B 8 0.00 -12.64 36.64
CA TYR B 8 1.27 -12.95 35.96
C TYR B 8 1.11 -13.37 34.49
N PRO B 9 0.16 -14.29 34.19
CA PRO B 9 -0.05 -14.69 32.79
C PRO B 9 -0.54 -13.60 31.85
N ALA B 10 -1.56 -12.87 32.27
CA ALA B 10 -2.08 -11.77 31.46
C ALA B 10 -0.93 -10.83 31.11
N MSE B 11 -0.12 -10.50 32.10
CA MSE B 11 1.00 -9.61 31.91
C MSE B 11 2.06 -10.21 31.00
O MSE B 11 2.52 -9.54 30.09
CB MSE B 11 1.61 -9.24 33.25
CG MSE B 11 0.69 -8.36 34.06
SE MSE B 11 1.46 -7.71 35.73
CE MSE B 11 2.77 -6.45 34.99
N LEU B 12 2.42 -11.46 31.25
CA LEU B 12 3.44 -12.13 30.45
C LEU B 12 2.97 -12.39 29.02
N ALA B 13 1.68 -12.63 28.84
CA ALA B 13 1.10 -12.71 27.50
C ALA B 13 1.30 -11.39 26.77
N HIS B 14 0.94 -10.28 27.43
CA HIS B 14 1.14 -8.95 26.84
C HIS B 14 2.59 -8.67 26.50
N ALA B 15 3.52 -9.09 27.35
CA ALA B 15 4.93 -8.96 27.03
C ALA B 15 5.25 -9.65 25.70
N ALA B 16 4.91 -10.93 25.60
CA ALA B 16 5.11 -11.70 24.36
C ALA B 16 4.42 -11.06 23.14
N GLU B 17 3.23 -10.51 23.36
CA GLU B 17 2.51 -9.78 22.32
C GLU B 17 3.34 -8.62 21.81
N MSE B 18 3.93 -7.86 22.71
CA MSE B 18 4.69 -6.69 22.34
C MSE B 18 5.97 -7.09 21.61
O MSE B 18 6.34 -6.42 20.64
CB MSE B 18 5.01 -5.83 23.56
CG MSE B 18 3.76 -5.15 24.13
SE MSE B 18 4.15 -3.71 25.38
CE MSE B 18 5.12 -2.50 24.21
N ASN B 19 6.61 -8.15 22.04
CA ASN B 19 7.85 -8.61 21.40
C ASN B 19 7.65 -9.00 19.94
N THR B 20 6.44 -9.44 19.61
CA THR B 20 6.07 -9.70 18.22
C THR B 20 6.27 -8.43 17.38
N TYR B 21 5.81 -7.31 17.93
CA TYR B 21 5.77 -6.04 17.19
C TYR B 21 7.15 -5.39 17.10
N SER B 22 7.98 -5.57 18.13
CA SER B 22 9.39 -5.17 18.07
C SER B 22 10.08 -5.80 16.87
N GLY B 23 9.91 -7.11 16.71
CA GLY B 23 10.50 -7.84 15.60
C GLY B 23 9.88 -7.41 14.29
N ALA B 24 8.56 -7.19 14.30
CA ALA B 24 7.84 -6.75 13.11
C ALA B 24 8.32 -5.37 12.64
N LEU B 25 8.33 -4.40 13.55
CA LEU B 25 8.78 -3.02 13.21
C LEU B 25 10.15 -3.02 12.54
N HIS B 26 11.08 -3.77 13.11
CA HIS B 26 12.44 -3.86 12.58
C HIS B 26 12.43 -4.44 11.16
N ALA B 27 11.89 -5.65 11.03
CA ALA B 27 11.90 -6.39 9.77
C ALA B 27 11.43 -5.54 8.58
N VAL B 28 10.26 -4.92 8.74
CA VAL B 28 9.64 -4.13 7.66
C VAL B 28 10.42 -2.84 7.39
N GLY B 29 11.01 -2.25 8.45
CA GLY B 29 11.81 -1.06 8.30
C GLY B 29 13.04 -1.37 7.49
N ALA B 30 13.68 -2.50 7.80
CA ALA B 30 14.82 -2.95 7.05
C ALA B 30 14.39 -3.22 5.60
N ASP B 31 13.24 -3.84 5.44
CA ASP B 31 12.73 -4.16 4.11
C ASP B 31 12.50 -2.86 3.32
N ILE B 32 12.01 -1.84 4.00
CA ILE B 32 11.75 -0.56 3.38
C ILE B 32 13.05 0.10 3.02
N ALA B 33 13.98 0.09 3.97
CA ALA B 33 15.34 0.58 3.72
C ALA B 33 15.89 -0.03 2.43
N ALA B 34 15.87 -1.36 2.33
CA ALA B 34 16.40 -2.06 1.16
C ALA B 34 15.70 -1.62 -0.12
N GLU B 35 14.36 -1.57 -0.10
CA GLU B 35 13.58 -1.22 -1.28
C GLU B 35 13.82 0.22 -1.75
N GLN B 36 13.97 1.16 -0.81
CA GLN B 36 14.28 2.52 -1.17
C GLN B 36 15.65 2.64 -1.84
N HIS B 37 16.61 1.84 -1.39
CA HIS B 37 17.91 1.79 -2.05
C HIS B 37 17.79 1.23 -3.46
N ALA B 38 17.09 0.10 -3.58
CA ALA B 38 16.82 -0.54 -4.87
C ALA B 38 16.17 0.41 -5.88
N LEU B 39 15.42 1.39 -5.39
CA LEU B 39 14.72 2.36 -6.24
C LEU B 39 15.42 3.72 -6.27
N ALA B 40 16.71 3.73 -5.98
CA ALA B 40 17.48 4.97 -5.91
C ALA B 40 17.41 5.78 -7.21
N SER B 41 17.51 5.10 -8.35
CA SER B 41 17.52 5.79 -9.66
C SER B 41 16.20 6.51 -10.00
N ALA B 42 15.10 6.10 -9.37
CA ALA B 42 13.80 6.74 -9.57
C ALA B 42 13.60 7.97 -8.67
N TRP B 43 14.57 8.24 -7.80
CA TRP B 43 14.47 9.29 -6.80
C TRP B 43 15.02 10.62 -7.30
N GLN B 44 14.26 11.70 -7.09
CA GLN B 44 14.76 13.08 -7.28
C GLN B 44 14.46 13.94 -6.03
N GLY B 45 14.97 15.17 -6.00
CA GLY B 45 14.73 16.06 -4.84
C GLY B 45 13.37 16.74 -4.92
N ASP B 46 12.30 15.97 -4.65
CA ASP B 46 10.91 16.48 -4.75
C ASP B 46 10.65 17.58 -3.71
N THR B 47 10.64 17.18 -2.44
CA THR B 47 10.73 18.14 -1.32
C THR B 47 12.03 18.92 -1.43
N GLY B 48 13.07 18.24 -1.92
CA GLY B 48 14.44 18.74 -1.93
C GLY B 48 15.37 17.77 -1.21
N MSE B 49 14.82 16.70 -0.64
CA MSE B 49 15.64 15.72 0.08
C MSE B 49 16.19 14.64 -0.87
O MSE B 49 15.44 14.03 -1.62
CB MSE B 49 14.85 15.06 1.22
CG MSE B 49 15.75 14.42 2.27
SE MSE B 49 14.82 13.41 3.67
CE MSE B 49 14.11 14.89 4.75
N THR B 50 17.50 14.42 -0.79
CA THR B 50 18.17 13.42 -1.59
C THR B 50 17.87 12.01 -1.08
N TYR B 51 18.10 11.01 -1.92
CA TYR B 51 17.84 9.63 -1.53
C TYR B 51 18.81 9.17 -0.43
N GLN B 52 20.07 9.62 -0.51
CA GLN B 52 21.07 9.32 0.53
C GLN B 52 20.63 9.88 1.88
N ALA B 53 20.29 11.17 1.89
CA ALA B 53 19.75 11.81 3.10
C ALA B 53 18.59 11.01 3.70
N TRP B 54 17.68 10.55 2.85
CA TRP B 54 16.50 9.83 3.31
C TRP B 54 16.89 8.46 3.87
N GLN B 55 17.78 7.76 3.16
CA GLN B 55 18.29 6.47 3.63
C GLN B 55 18.87 6.59 5.05
N ALA B 56 19.74 7.57 5.25
CA ALA B 56 20.35 7.78 6.55
C ALA B 56 19.32 8.15 7.60
N GLN B 57 18.41 9.06 7.25
CA GLN B 57 17.40 9.53 8.21
C GLN B 57 16.40 8.43 8.53
N TRP B 58 16.05 7.63 7.52
CA TRP B 58 15.17 6.48 7.71
C TRP B 58 15.75 5.46 8.69
N ASN B 59 17.01 5.07 8.48
CA ASN B 59 17.65 4.05 9.30
C ASN B 59 17.71 4.52 10.75
N GLN B 60 18.23 5.73 10.92
CA GLN B 60 18.36 6.40 12.22
C GLN B 60 17.03 6.42 12.97
N ALA B 61 15.97 6.82 12.26
CA ALA B 61 14.64 6.93 12.85
C ALA B 61 13.99 5.56 13.09
N MSE B 62 14.41 4.55 12.34
CA MSE B 62 13.91 3.19 12.59
C MSE B 62 14.56 2.55 13.82
O MSE B 62 13.96 1.70 14.46
CB MSE B 62 14.10 2.29 11.35
CG MSE B 62 13.01 2.45 10.29
SE MSE B 62 11.18 2.24 10.98
CE MSE B 62 11.41 0.57 11.98
N GLU B 63 15.80 2.95 14.12
CA GLU B 63 16.48 2.45 15.31
C GLU B 63 15.84 3.01 16.57
N GLU B 64 15.57 4.32 16.59
CA GLU B 64 15.03 4.96 17.77
C GLU B 64 13.58 4.55 18.04
N LEU B 65 12.84 4.21 16.97
CA LEU B 65 11.44 3.75 17.08
C LEU B 65 11.35 2.37 17.71
N VAL B 66 12.12 1.43 17.18
CA VAL B 66 12.21 0.10 17.75
C VAL B 66 12.76 0.11 19.18
N ARG B 67 13.76 0.96 19.45
CA ARG B 67 14.32 1.06 20.80
C ARG B 67 13.33 1.69 21.80
N ALA B 68 12.52 2.65 21.34
CA ALA B 68 11.43 3.19 22.15
C ALA B 68 10.47 2.08 22.52
N TYR B 69 10.08 1.30 21.52
CA TYR B 69 9.11 0.24 21.73
C TYR B 69 9.66 -0.89 22.60
N ARG B 70 10.93 -1.27 22.41
CA ARG B 70 11.51 -2.35 23.20
C ARG B 70 11.63 -1.94 24.65
N ALA B 71 11.85 -0.65 24.87
CA ALA B 71 11.89 -0.07 26.20
C ALA B 71 10.57 -0.31 26.94
N MSE B 72 9.46 -0.20 26.22
CA MSE B 72 8.14 -0.51 26.79
C MSE B 72 8.02 -1.99 27.15
O MSE B 72 7.67 -2.34 28.28
CB MSE B 72 7.02 -0.10 25.83
CG MSE B 72 6.70 1.38 25.85
SE MSE B 72 5.19 1.86 24.70
CE MSE B 72 6.14 2.04 23.00
N ALA B 73 8.34 -2.85 26.18
CA ALA B 73 8.30 -4.31 26.35
C ALA B 73 9.17 -4.81 27.50
N THR B 74 10.37 -4.23 27.62
CA THR B 74 11.32 -4.62 28.65
C THR B 74 10.85 -4.14 30.02
N THR B 75 10.47 -2.86 30.10
CA THR B 75 9.97 -2.28 31.34
C THR B 75 8.76 -3.06 31.82
N HIS B 76 7.91 -3.43 30.86
CA HIS B 76 6.76 -4.27 31.16
C HIS B 76 7.21 -5.65 31.65
N GLU B 77 8.19 -6.23 30.97
CA GLU B 77 8.75 -7.54 31.32
C GLU B 77 9.44 -7.53 32.67
N GLN B 78 10.33 -6.57 32.88
CA GLN B 78 11.08 -6.46 34.15
C GLN B 78 10.17 -6.14 35.33
N ASN B 79 9.06 -5.46 35.08
CA ASN B 79 8.09 -5.11 36.13
C ASN B 79 7.26 -6.32 36.56
N THR B 80 6.75 -7.06 35.58
CA THR B 80 5.95 -8.26 35.82
C THR B 80 6.68 -9.32 36.64
N MSE B 81 7.95 -9.55 36.33
CA MSE B 81 8.77 -10.50 37.08
C MSE B 81 8.85 -10.11 38.55
O MSE B 81 8.92 -10.99 39.42
CB MSE B 81 10.19 -10.57 36.47
N ALA B 82 8.83 -8.81 38.83
CA ALA B 82 8.79 -8.29 40.20
C ALA B 82 7.43 -8.53 40.88
N MSE B 83 6.36 -8.60 40.10
CA MSE B 83 5.01 -8.84 40.63
C MSE B 83 4.81 -10.27 41.09
O MSE B 83 4.23 -10.50 42.15
CB MSE B 83 3.94 -8.47 39.58
CG MSE B 83 3.99 -7.03 39.08
SE MSE B 83 4.04 -5.68 40.51
CE MSE B 83 3.98 -4.05 39.42
N SER B 84 5.27 -11.24 40.30
CA SER B 84 5.13 -12.67 40.65
C SER B 84 5.97 -13.05 41.88
N ALA B 85 7.13 -12.41 42.04
CA ALA B 85 7.99 -12.64 43.20
C ALA B 85 7.44 -12.00 44.48
N ARG B 86 6.55 -11.02 44.33
CA ARG B 86 5.92 -10.35 45.47
C ARG B 86 4.94 -11.27 46.17
N ASP C 6 -9.46 8.02 21.81
CA ASP C 6 -8.67 7.29 22.84
C ASP C 6 -7.95 6.10 22.19
N ALA C 7 -8.48 4.88 22.35
CA ALA C 7 -7.98 3.70 21.61
C ALA C 7 -8.52 3.69 20.18
N HIS C 8 -9.56 4.49 19.94
CA HIS C 8 -10.10 4.75 18.61
C HIS C 8 -9.01 5.18 17.64
N ILE C 9 -8.14 6.08 18.10
CA ILE C 9 -7.12 6.66 17.23
C ILE C 9 -6.21 5.63 16.58
N PRO C 10 -5.52 4.78 17.36
CA PRO C 10 -4.72 3.74 16.68
C PRO C 10 -5.55 2.84 15.76
N GLN C 11 -6.77 2.50 16.18
CA GLN C 11 -7.63 1.67 15.35
C GLN C 11 -7.99 2.36 14.03
N LEU C 12 -8.21 3.68 14.10
CA LEU C 12 -8.45 4.48 12.88
C LEU C 12 -7.21 4.54 11.99
N ILE C 13 -6.07 4.86 12.58
CA ILE C 13 -4.80 4.86 11.87
C ILE C 13 -4.53 3.51 11.19
N ALA C 14 -4.68 2.42 11.93
CA ALA C 14 -4.49 1.09 11.38
C ALA C 14 -5.39 0.87 10.15
N SER C 15 -6.70 1.08 10.30
CA SER C 15 -7.64 0.86 9.21
C SER C 15 -7.38 1.74 7.99
N GLU C 16 -6.99 2.98 8.23
CA GLU C 16 -6.68 3.88 7.12
C GLU C 16 -5.39 3.45 6.42
N ALA C 17 -4.47 2.87 7.18
CA ALA C 17 -3.24 2.32 6.59
C ALA C 17 -3.56 1.10 5.72
N ASN C 18 -4.40 0.20 6.25
CA ASN C 18 -4.77 -1.02 5.53
C ASN C 18 -5.46 -0.73 4.19
N PHE C 19 -6.42 0.20 4.20
CA PHE C 19 -7.02 0.66 2.95
C PHE C 19 -5.95 1.24 2.03
N GLY C 20 -5.01 1.97 2.60
CA GLY C 20 -3.93 2.58 1.82
C GLY C 20 -3.01 1.57 1.15
N ALA C 21 -2.80 0.44 1.82
CA ALA C 21 -2.00 -0.65 1.27
C ALA C 21 -2.73 -1.27 0.08
N LYS C 22 -4.04 -1.47 0.24
CA LYS C 22 -4.87 -2.05 -0.81
C LYS C 22 -4.94 -1.18 -2.06
N ALA C 23 -5.16 0.11 -1.88
CA ALA C 23 -5.10 1.08 -2.98
C ALA C 23 -3.77 0.96 -3.75
N ALA C 24 -2.67 0.80 -3.04
CA ALA C 24 -1.37 0.67 -3.66
C ALA C 24 -1.22 -0.69 -4.38
N LEU C 25 -1.76 -1.76 -3.79
CA LEU C 25 -1.70 -3.07 -4.44
C LEU C 25 -2.55 -3.09 -5.70
N MSE C 26 -3.70 -2.42 -5.65
CA MSE C 26 -4.52 -2.25 -6.84
C MSE C 26 -3.68 -1.61 -7.95
O MSE C 26 -3.61 -2.16 -9.05
CB MSE C 26 -5.74 -1.39 -6.55
CG MSE C 26 -6.58 -1.00 -7.78
SE MSE C 26 -7.26 -2.51 -8.89
CE MSE C 26 -8.94 -2.90 -7.96
N ARG C 27 -3.04 -0.49 -7.66
CA ARG C 27 -2.18 0.19 -8.63
C ARG C 27 -1.16 -0.75 -9.21
N SER C 28 -0.51 -1.52 -8.33
CA SER C 28 0.50 -2.48 -8.75
C SER C 28 -0.06 -3.55 -9.67
N THR C 29 -1.27 -4.00 -9.37
CA THR C 29 -1.94 -5.03 -10.14
C THR C 29 -2.32 -4.56 -11.54
N ILE C 30 -2.76 -3.33 -11.66
CA ILE C 30 -3.07 -2.78 -12.99
C ILE C 30 -1.80 -2.80 -13.87
N ALA C 31 -0.66 -2.45 -13.27
CA ALA C 31 0.60 -2.41 -14.01
C ALA C 31 0.98 -3.80 -14.46
N GLN C 32 0.90 -4.76 -13.56
CA GLN C 32 1.22 -6.15 -13.87
C GLN C 32 0.33 -6.71 -14.98
N ALA C 33 -0.97 -6.47 -14.85
CA ALA C 33 -1.96 -6.85 -15.87
C ALA C 33 -1.59 -6.26 -17.23
N GLU C 34 -1.22 -4.99 -17.22
CA GLU C 34 -0.72 -4.30 -18.41
C GLU C 34 0.48 -5.04 -19.01
N GLN C 35 1.42 -5.50 -18.18
CA GLN C 35 2.57 -6.25 -18.71
C GLN C 35 2.20 -7.62 -19.28
N ALA C 36 1.22 -8.28 -18.71
CA ALA C 36 0.75 -9.56 -19.23
C ALA C 36 0.07 -9.35 -20.58
N ALA C 37 -0.75 -8.30 -20.67
CA ALA C 37 -1.39 -7.92 -21.93
C ALA C 37 -0.38 -7.53 -23.00
N MSE C 38 0.66 -6.81 -22.60
CA MSE C 38 1.72 -6.39 -23.51
C MSE C 38 2.45 -7.58 -24.10
O MSE C 38 2.80 -7.56 -25.28
CB MSE C 38 2.73 -5.45 -22.82
CG MSE C 38 2.36 -3.96 -22.88
SE MSE C 38 3.77 -2.76 -22.15
CE MSE C 38 4.99 -2.73 -23.71
N SER C 39 2.69 -8.63 -23.30
CA SER C 39 3.41 -9.81 -23.81
C SER C 39 2.53 -10.76 -24.63
N SER C 40 1.21 -10.59 -24.58
CA SER C 40 0.33 -11.37 -25.44
C SER C 40 0.49 -10.92 -26.90
N GLN C 41 1.30 -9.90 -27.13
CA GLN C 41 1.49 -9.33 -28.47
C GLN C 41 2.43 -10.10 -29.39
N ALA C 42 2.90 -11.26 -28.95
CA ALA C 42 3.36 -12.29 -29.88
C ALA C 42 2.10 -13.00 -30.41
N PHE C 43 1.32 -12.30 -31.26
CA PHE C 43 0.01 -12.80 -31.72
C PHE C 43 -0.66 -12.05 -32.89
N HIS C 44 -1.11 -10.81 -32.66
CA HIS C 44 -2.18 -10.20 -33.49
C HIS C 44 -1.75 -9.49 -34.77
N MSE C 45 -2.70 -9.31 -35.69
CA MSE C 45 -2.50 -8.55 -36.92
C MSE C 45 -3.83 -8.07 -37.52
O MSE C 45 -4.81 -8.81 -37.55
CB MSE C 45 -1.74 -9.38 -37.95
N GLY C 46 -3.85 -6.81 -37.99
CA GLY C 46 -4.99 -6.26 -38.73
C GLY C 46 -6.12 -5.70 -37.88
N GLU C 47 -7.32 -6.28 -38.02
CA GLU C 47 -8.53 -5.82 -37.32
C GLU C 47 -8.67 -6.39 -35.89
N ALA C 48 -7.95 -7.48 -35.60
CA ALA C 48 -7.85 -8.02 -34.24
C ALA C 48 -6.80 -7.26 -33.42
N SER C 49 -5.71 -6.86 -34.09
CA SER C 49 -4.75 -5.93 -33.51
C SER C 49 -5.40 -4.56 -33.33
N ALA C 50 -6.19 -4.13 -34.33
CA ALA C 50 -6.99 -2.91 -34.21
C ALA C 50 -7.92 -3.00 -33.01
N ALA C 51 -8.62 -4.12 -32.88
CA ALA C 51 -9.45 -4.38 -31.70
C ALA C 51 -8.62 -4.41 -30.43
N PHE C 52 -7.41 -4.96 -30.51
CA PHE C 52 -6.52 -5.01 -29.35
C PHE C 52 -5.98 -3.63 -28.99
N GLN C 53 -5.51 -2.89 -29.98
CA GLN C 53 -5.02 -1.53 -29.75
C GLN C 53 -6.12 -0.65 -29.16
N ALA C 54 -7.31 -0.74 -29.75
CA ALA C 54 -8.46 0.01 -29.25
C ALA C 54 -8.75 -0.36 -27.80
N ALA C 55 -8.73 -1.65 -27.50
CA ALA C 55 -9.02 -2.13 -26.15
C ALA C 55 -7.92 -1.73 -25.19
N HIS C 56 -6.67 -1.73 -25.66
CA HIS C 56 -5.53 -1.29 -24.85
C HIS C 56 -5.65 0.18 -24.47
N ALA C 57 -5.80 1.02 -25.49
CA ALA C 57 -5.94 2.47 -25.31
C ALA C 57 -7.02 2.79 -24.29
N ARG C 58 -8.11 2.04 -24.34
CA ARG C 58 -9.18 2.18 -23.39
C ARG C 58 -8.76 1.77 -21.98
N PHE C 59 -8.04 0.66 -21.87
CA PHE C 59 -7.59 0.15 -20.59
C PHE C 59 -6.62 1.14 -19.93
N VAL C 60 -5.72 1.70 -20.73
CA VAL C 60 -4.85 2.78 -20.24
C VAL C 60 -5.70 3.93 -19.70
N GLU C 61 -6.66 4.36 -20.51
CA GLU C 61 -7.54 5.49 -20.18
C GLU C 61 -8.28 5.29 -18.85
N VAL C 62 -8.83 4.10 -18.64
CA VAL C 62 -9.60 3.81 -17.43
C VAL C 62 -8.66 3.71 -16.22
N SER C 63 -7.45 3.17 -16.42
CA SER C 63 -6.46 3.14 -15.33
C SER C 63 -6.21 4.54 -14.77
N ALA C 64 -5.96 5.50 -15.66
CA ALA C 64 -5.71 6.87 -15.23
C ALA C 64 -6.87 7.34 -14.31
N LYS C 65 -8.09 6.99 -14.72
CA LYS C 65 -9.31 7.25 -13.94
C LYS C 65 -9.21 6.60 -12.55
N VAL C 66 -8.89 5.31 -12.52
CA VAL C 66 -8.83 4.55 -11.26
C VAL C 66 -7.72 5.07 -10.35
N ASN C 67 -6.56 5.39 -10.92
CA ASN C 67 -5.50 6.03 -10.14
C ASN C 67 -5.92 7.40 -9.63
N ALA C 68 -6.60 8.17 -10.47
CA ALA C 68 -7.12 9.47 -10.05
C ALA C 68 -8.08 9.30 -8.87
N LEU C 69 -8.94 8.29 -8.92
CA LEU C 69 -9.89 8.04 -7.84
C LEU C 69 -9.20 7.57 -6.55
N LEU C 70 -8.16 6.76 -6.66
CA LEU C 70 -7.42 6.29 -5.48
C LEU C 70 -6.63 7.46 -4.81
N ASP C 71 -6.11 8.38 -5.61
CA ASP C 71 -5.52 9.62 -5.06
C ASP C 71 -6.49 10.29 -4.11
N ILE C 72 -7.75 10.41 -4.54
CA ILE C 72 -8.79 11.02 -3.71
C ILE C 72 -9.01 10.20 -2.42
N ALA C 73 -9.15 8.90 -2.54
CA ALA C 73 -9.38 8.06 -1.36
C ALA C 73 -8.18 8.08 -0.39
N GLN C 74 -6.96 8.04 -0.92
CA GLN C 74 -5.75 8.10 -0.07
C GLN C 74 -5.72 9.37 0.80
N LEU C 75 -6.12 10.49 0.21
CA LEU C 75 -6.24 11.75 0.94
C LEU C 75 -7.35 11.71 2.02
N ASN C 76 -8.46 11.04 1.72
CA ASN C 76 -9.61 11.02 2.64
C ASN C 76 -9.54 9.93 3.73
N ILE C 77 -9.27 8.68 3.33
CA ILE C 77 -9.26 7.55 4.28
C ILE C 77 -8.10 6.55 4.11
N GLY C 78 -7.06 6.92 3.39
CA GLY C 78 -5.97 6.00 3.08
C GLY C 78 -4.65 6.38 3.71
N ASP C 79 -3.60 6.38 2.90
CA ASP C 79 -2.22 6.52 3.38
C ASP C 79 -1.91 7.92 3.88
N ALA C 80 -2.39 8.93 3.17
CA ALA C 80 -2.20 10.32 3.60
C ALA C 80 -3.05 10.58 4.84
N ALA C 81 -4.32 10.19 4.78
CA ALA C 81 -5.25 10.35 5.89
C ALA C 81 -4.68 9.81 7.20
N SER C 82 -4.23 8.55 7.18
CA SER C 82 -3.68 7.91 8.37
C SER C 82 -2.36 8.57 8.80
N SER C 83 -1.55 9.00 7.85
CA SER C 83 -0.34 9.74 8.19
C SER C 83 -0.67 11.03 8.93
N TYR C 84 -1.65 11.77 8.39
CA TYR C 84 -2.09 13.02 9.01
C TYR C 84 -2.52 12.79 10.46
N VAL C 85 -3.42 11.84 10.66
CA VAL C 85 -3.93 11.52 11.98
C VAL C 85 -2.79 11.16 12.95
N ALA C 86 -1.87 10.31 12.48
CA ALA C 86 -0.72 9.89 13.30
C ALA C 86 0.10 11.08 13.78
N GLN C 87 0.47 11.96 12.85
CA GLN C 87 1.27 13.15 13.18
C GLN C 87 0.48 14.14 14.05
N ASP C 88 -0.81 14.27 13.76
CA ASP C 88 -1.73 15.11 14.54
C ASP C 88 -1.78 14.66 15.99
N ALA C 89 -1.84 13.34 16.20
CA ALA C 89 -1.87 12.75 17.55
C ALA C 89 -0.55 12.99 18.30
N ALA C 90 0.55 13.03 17.54
CA ALA C 90 1.87 13.36 18.09
C ALA C 90 1.90 14.82 18.53
N ALA C 91 1.44 15.72 17.67
CA ALA C 91 1.33 17.15 18.00
C ALA C 91 0.51 17.36 19.28
N ALA C 92 -0.69 16.76 19.32
CA ALA C 92 -1.53 16.75 20.52
C ALA C 92 -1.10 15.60 21.44
N MSE D 1 0.23 -27.28 -41.18
CA MSE D 1 1.00 -27.00 -39.94
C MSE D 1 0.22 -26.01 -39.07
O MSE D 1 -0.27 -26.37 -38.01
CB MSE D 1 2.40 -26.45 -40.27
CG MSE D 1 3.21 -25.93 -39.07
SE MSE D 1 4.96 -25.11 -39.50
CE MSE D 1 5.04 -23.79 -38.05
N SER D 2 0.10 -24.77 -39.55
CA SER D 2 -0.42 -23.65 -38.77
C SER D 2 0.61 -23.21 -37.72
N GLN D 3 0.83 -21.90 -37.64
CA GLN D 3 1.65 -21.32 -36.58
C GLN D 3 0.81 -21.16 -35.30
N ILE D 4 -0.51 -21.12 -35.45
CA ILE D 4 -1.42 -21.04 -34.30
C ILE D 4 -1.44 -22.38 -33.57
N MSE D 5 -1.38 -23.47 -34.32
CA MSE D 5 -1.29 -24.79 -33.69
C MSE D 5 0.05 -24.98 -33.02
O MSE D 5 0.14 -25.61 -31.96
CB MSE D 5 -1.53 -25.91 -34.71
CG MSE D 5 -2.98 -26.07 -35.11
SE MSE D 5 -3.38 -27.79 -35.97
CE MSE D 5 -3.13 -28.92 -34.39
N TYR D 6 1.11 -24.44 -33.61
CA TYR D 6 2.46 -24.61 -33.08
C TYR D 6 2.66 -23.96 -31.68
N ASN D 7 2.07 -22.77 -31.48
CA ASN D 7 2.22 -22.04 -30.21
C ASN D 7 1.05 -22.23 -29.27
N TYR D 8 0.17 -23.19 -29.56
CA TYR D 8 -1.08 -23.30 -28.83
C TYR D 8 -0.88 -23.41 -27.31
N PRO D 9 -0.02 -24.33 -26.85
CA PRO D 9 0.14 -24.49 -25.40
C PRO D 9 0.47 -23.22 -24.62
N ALA D 10 1.38 -22.42 -25.14
CA ALA D 10 1.79 -21.17 -24.50
C ALA D 10 0.72 -20.07 -24.66
N MSE D 11 0.11 -19.97 -25.84
CA MSE D 11 -0.98 -19.02 -26.02
C MSE D 11 -2.14 -19.28 -25.08
O MSE D 11 -2.72 -18.35 -24.53
CB MSE D 11 -1.46 -19.05 -27.46
CG MSE D 11 -0.47 -18.51 -28.44
SE MSE D 11 -1.21 -18.63 -30.22
CE MSE D 11 -2.58 -17.22 -30.06
N LEU D 12 -2.46 -20.56 -24.91
CA LEU D 12 -3.47 -20.98 -23.94
C LEU D 12 -3.06 -20.64 -22.50
N ALA D 13 -1.83 -20.98 -22.14
CA ALA D 13 -1.34 -20.67 -20.80
C ALA D 13 -1.41 -19.18 -20.57
N HIS D 14 -1.12 -18.42 -21.63
CA HIS D 14 -1.13 -16.96 -21.54
C HIS D 14 -2.53 -16.37 -21.43
N ALA D 15 -3.50 -17.02 -22.06
CA ALA D 15 -4.89 -16.66 -21.86
C ALA D 15 -5.26 -16.90 -20.40
N ALA D 16 -4.82 -18.04 -19.86
CA ALA D 16 -5.11 -18.38 -18.48
C ALA D 16 -4.55 -17.32 -17.53
N GLU D 17 -3.39 -16.77 -17.87
CA GLU D 17 -2.74 -15.76 -17.05
C GLU D 17 -3.43 -14.42 -17.13
N MSE D 18 -3.83 -14.00 -18.34
CA MSE D 18 -4.56 -12.75 -18.47
C MSE D 18 -5.85 -12.80 -17.68
O MSE D 18 -6.12 -11.89 -16.90
CB MSE D 18 -4.83 -12.42 -19.94
CG MSE D 18 -3.56 -12.00 -20.63
SE MSE D 18 -3.85 -11.43 -22.44
CE MSE D 18 -4.69 -9.71 -22.07
N ASN D 19 -6.63 -13.87 -17.85
CA ASN D 19 -7.88 -14.03 -17.12
C ASN D 19 -7.71 -14.00 -15.60
N THR D 20 -6.62 -14.59 -15.11
CA THR D 20 -6.26 -14.47 -13.70
C THR D 20 -6.26 -13.00 -13.25
N TYR D 21 -5.77 -12.10 -14.10
CA TYR D 21 -5.75 -10.67 -13.76
C TYR D 21 -7.12 -10.03 -13.80
N SER D 22 -8.04 -10.55 -14.59
CA SER D 22 -9.42 -10.07 -14.55
C SER D 22 -9.99 -10.31 -13.17
N GLY D 23 -9.75 -11.51 -12.65
CA GLY D 23 -10.28 -11.90 -11.35
C GLY D 23 -9.66 -11.11 -10.22
N ALA D 24 -8.36 -10.89 -10.30
CA ALA D 24 -7.65 -10.17 -9.25
C ALA D 24 -8.11 -8.70 -9.20
N LEU D 25 -8.30 -8.10 -10.38
CA LEU D 25 -8.77 -6.73 -10.46
C LEU D 25 -10.20 -6.58 -9.92
N HIS D 26 -11.06 -7.54 -10.24
CA HIS D 26 -12.42 -7.54 -9.69
C HIS D 26 -12.38 -7.64 -8.18
N ALA D 27 -11.63 -8.60 -7.68
CA ALA D 27 -11.61 -8.87 -6.25
C ALA D 27 -11.06 -7.66 -5.49
N VAL D 28 -9.90 -7.16 -5.90
CA VAL D 28 -9.26 -6.06 -5.17
C VAL D 28 -10.17 -4.82 -5.19
N GLY D 29 -10.82 -4.60 -6.33
CA GLY D 29 -11.79 -3.51 -6.45
C GLY D 29 -13.00 -3.61 -5.52
N ALA D 30 -13.52 -4.83 -5.37
CA ALA D 30 -14.63 -5.07 -4.46
C ALA D 30 -14.22 -4.84 -3.01
N ASP D 31 -13.01 -5.26 -2.65
CA ASP D 31 -12.51 -5.07 -1.29
C ASP D 31 -12.40 -3.60 -1.00
N ILE D 32 -11.68 -2.91 -1.89
CA ILE D 32 -11.49 -1.48 -1.75
C ILE D 32 -12.85 -0.79 -1.52
N ALA D 33 -13.85 -1.20 -2.27
CA ALA D 33 -15.19 -0.65 -2.16
C ALA D 33 -15.83 -0.98 -0.81
N ALA D 34 -15.67 -2.21 -0.33
CA ALA D 34 -16.21 -2.58 0.97
C ALA D 34 -15.51 -1.79 2.07
N GLU D 35 -14.18 -1.70 1.99
CA GLU D 35 -13.40 -1.00 3.01
C GLU D 35 -13.67 0.50 3.01
N GLN D 36 -13.83 1.10 1.83
CA GLN D 36 -14.21 2.51 1.75
C GLN D 36 -15.57 2.76 2.43
N HIS D 37 -16.49 1.81 2.31
CA HIS D 37 -17.77 1.89 3.00
C HIS D 37 -17.59 1.74 4.51
N ALA D 38 -16.80 0.77 4.92
CA ALA D 38 -16.52 0.56 6.35
C ALA D 38 -15.92 1.82 7.01
N LEU D 39 -15.20 2.62 6.23
CA LEU D 39 -14.54 3.83 6.71
C LEU D 39 -15.30 5.11 6.39
N ALA D 40 -16.59 4.99 6.07
CA ALA D 40 -17.38 6.15 5.62
C ALA D 40 -17.21 7.37 6.55
N SER D 41 -17.44 7.19 7.84
CA SER D 41 -17.45 8.32 8.79
C SER D 41 -16.09 9.00 8.98
N ALA D 42 -15.02 8.38 8.46
CA ALA D 42 -13.71 9.02 8.40
C ALA D 42 -13.55 9.94 7.18
N TRP D 43 -14.48 9.85 6.24
CA TRP D 43 -14.42 10.63 5.01
C TRP D 43 -15.08 12.00 5.16
N GLN D 44 -14.34 13.06 4.84
CA GLN D 44 -14.90 14.43 4.84
C GLN D 44 -14.93 15.05 3.43
N GLY D 45 -15.65 16.16 3.30
CA GLY D 45 -15.71 16.89 2.02
C GLY D 45 -14.40 17.61 1.73
N ASP D 46 -13.34 16.83 1.51
CA ASP D 46 -11.99 17.36 1.35
C ASP D 46 -11.79 17.80 -0.09
N THR D 47 -11.92 16.85 -1.01
CA THR D 47 -12.00 17.14 -2.45
C THR D 47 -13.27 17.92 -2.79
N GLY D 48 -14.29 17.79 -1.93
CA GLY D 48 -15.64 18.20 -2.25
C GLY D 48 -16.44 17.00 -2.74
N MSE D 49 -15.80 15.84 -2.85
CA MSE D 49 -16.44 14.60 -3.25
C MSE D 49 -16.92 13.85 -2.01
O MSE D 49 -16.12 13.54 -1.13
CB MSE D 49 -15.49 13.70 -4.07
CG MSE D 49 -16.14 12.38 -4.54
SE MSE D 49 -15.25 11.51 -6.05
CE MSE D 49 -15.18 12.99 -7.32
N THR D 50 -18.21 13.55 -1.97
CA THR D 50 -18.78 12.80 -0.85
C THR D 50 -18.31 11.36 -0.95
N TYR D 51 -18.45 10.62 0.14
CA TYR D 51 -18.10 9.20 0.11
C TYR D 51 -19.05 8.41 -0.78
N GLN D 52 -20.35 8.74 -0.75
CA GLN D 52 -21.35 8.11 -1.62
C GLN D 52 -21.01 8.27 -3.09
N ALA D 53 -20.61 9.49 -3.46
CA ALA D 53 -20.24 9.80 -4.83
C ALA D 53 -19.01 9.01 -5.26
N TRP D 54 -18.07 8.80 -4.33
CA TRP D 54 -16.83 8.10 -4.63
C TRP D 54 -17.09 6.62 -4.81
N GLN D 55 -17.86 6.05 -3.89
CA GLN D 55 -18.28 4.64 -3.97
C GLN D 55 -18.80 4.31 -5.36
N ALA D 56 -19.75 5.12 -5.81
CA ALA D 56 -20.40 4.94 -7.10
C ALA D 56 -19.40 5.07 -8.24
N GLN D 57 -18.52 6.07 -8.16
CA GLN D 57 -17.54 6.30 -9.20
C GLN D 57 -16.49 5.22 -9.20
N TRP D 58 -16.17 4.71 -8.02
CA TRP D 58 -15.23 3.60 -7.90
C TRP D 58 -15.74 2.35 -8.60
N ASN D 59 -16.97 1.95 -8.27
CA ASN D 59 -17.56 0.73 -8.81
C ASN D 59 -17.72 0.80 -10.34
N GLN D 60 -18.16 1.96 -10.82
CA GLN D 60 -18.27 2.24 -12.24
C GLN D 60 -16.93 2.10 -12.96
N ALA D 61 -15.91 2.76 -12.42
CA ALA D 61 -14.56 2.74 -13.00
C ALA D 61 -13.97 1.33 -12.99
N MSE D 62 -14.22 0.59 -11.92
CA MSE D 62 -13.71 -0.78 -11.82
C MSE D 62 -14.37 -1.71 -12.81
O MSE D 62 -13.72 -2.55 -13.43
CB MSE D 62 -13.90 -1.32 -10.40
CG MSE D 62 -12.85 -0.82 -9.41
SE MSE D 62 -11.04 -1.00 -10.11
CE MSE D 62 -11.08 -2.92 -10.51
N GLU D 63 -15.69 -1.57 -12.95
CA GLU D 63 -16.44 -2.40 -13.88
C GLU D 63 -15.91 -2.13 -15.29
N GLU D 64 -15.59 -0.87 -15.57
CA GLU D 64 -15.03 -0.44 -16.86
C GLU D 64 -13.59 -0.93 -17.09
N LEU D 65 -12.78 -0.97 -16.03
CA LEU D 65 -11.39 -1.45 -16.13
C LEU D 65 -11.34 -2.93 -16.45
N VAL D 66 -12.23 -3.70 -15.83
CA VAL D 66 -12.25 -5.15 -16.02
C VAL D 66 -12.73 -5.50 -17.44
N ARG D 67 -13.76 -4.81 -17.90
CA ARG D 67 -14.29 -5.03 -19.23
C ARG D 67 -13.25 -4.66 -20.29
N ALA D 68 -12.56 -3.55 -20.10
CA ALA D 68 -11.51 -3.13 -21.03
C ALA D 68 -10.39 -4.17 -21.07
N TYR D 69 -10.03 -4.67 -19.89
CA TYR D 69 -9.05 -5.75 -19.79
C TYR D 69 -9.56 -7.06 -20.38
N ARG D 70 -10.83 -7.37 -20.18
CA ARG D 70 -11.41 -8.60 -20.72
C ARG D 70 -11.55 -8.58 -22.24
N ALA D 71 -11.71 -7.39 -22.82
CA ALA D 71 -11.76 -7.24 -24.27
C ALA D 71 -10.44 -7.67 -24.90
N MSE D 72 -9.33 -7.28 -24.28
CA MSE D 72 -8.00 -7.70 -24.70
C MSE D 72 -7.81 -9.20 -24.56
O MSE D 72 -7.37 -9.87 -25.49
CB MSE D 72 -6.94 -6.97 -23.90
CG MSE D 72 -6.76 -5.54 -24.30
SE MSE D 72 -5.23 -4.74 -23.43
CE MSE D 72 -5.97 -4.53 -21.64
N ALA D 73 -8.16 -9.73 -23.38
CA ALA D 73 -8.15 -11.16 -23.15
C ALA D 73 -8.87 -11.94 -24.26
N THR D 74 -10.05 -11.47 -24.66
CA THR D 74 -10.87 -12.16 -25.66
C THR D 74 -10.18 -12.11 -27.03
N THR D 75 -9.62 -10.95 -27.34
CA THR D 75 -8.86 -10.77 -28.58
C THR D 75 -7.73 -11.80 -28.70
N HIS D 76 -7.14 -12.17 -27.57
CA HIS D 76 -6.10 -13.20 -27.53
C HIS D 76 -6.71 -14.59 -27.74
N GLU D 77 -7.71 -14.93 -26.94
CA GLU D 77 -8.38 -16.23 -27.03
C GLU D 77 -8.91 -16.51 -28.44
N GLN D 78 -9.36 -15.48 -29.13
CA GLN D 78 -9.86 -15.62 -30.51
C GLN D 78 -8.82 -16.24 -31.44
N ASN D 79 -7.54 -15.95 -31.19
CA ASN D 79 -6.43 -16.52 -31.98
C ASN D 79 -6.12 -17.95 -31.53
N THR D 80 -6.00 -18.13 -30.22
CA THR D 80 -5.76 -19.43 -29.61
C THR D 80 -6.72 -20.51 -30.13
N MSE D 81 -7.99 -20.15 -30.32
CA MSE D 81 -9.00 -21.08 -30.86
C MSE D 81 -9.27 -20.87 -32.35
O MSE D 81 -10.01 -21.65 -32.94
CB MSE D 81 -10.32 -20.96 -30.10
CG MSE D 81 -10.21 -20.84 -28.57
SE MSE D 81 -9.09 -22.18 -27.66
CE MSE D 81 -8.95 -21.24 -25.94
N ALA D 82 -8.68 -19.84 -32.95
CA ALA D 82 -8.80 -19.60 -34.40
C ALA D 82 -8.28 -20.81 -35.16
N MSE D 83 -7.06 -21.23 -34.79
CA MSE D 83 -6.52 -22.56 -35.11
C MSE D 83 -7.09 -23.20 -36.38
O MSE D 83 -7.60 -24.32 -36.37
CB MSE D 83 -6.74 -23.48 -33.91
CG MSE D 83 -5.78 -24.65 -33.82
SE MSE D 83 -5.76 -25.49 -32.05
CE MSE D 83 -7.67 -25.86 -31.87
#